data_2ZH2
#
_entry.id   2ZH2
#
_cell.length_a   57.983
_cell.length_b   57.983
_cell.length_c   440.748
_cell.angle_alpha   90.00
_cell.angle_beta   90.00
_cell.angle_gamma   90.00
#
_symmetry.space_group_name_H-M   'P 43 21 2'
#
loop_
_entity.id
_entity.type
_entity.pdbx_description
1 polymer 'tRNA (34-MER)'
2 polymer 'CCA-adding enzyme'
3 non-polymer 'SULFATE ION'
4 water water
#
loop_
_entity_poly.entity_id
_entity_poly.type
_entity_poly.pdbx_seq_one_letter_code
_entity_poly.pdbx_strand_id
1 'polyribonucleotide' GGCCCGGGGCGGUUCGAUUCCGCCCUGGGCCAAC B
2 'polypeptide(L)'
;MKVEEILEKALELVIPDEEEVRKGREAEEELRRRLDELGVEYVFVGSYARNTWLKGSLEIDVFLLFPEEFSKEELRERGL
EIGKAVLDSYEIRYAEHPYVHGVVKGVEVDVVPCYKLKEPKNIKSAVDRTPFHHKWLEGRIKGKENEVRLLKGFLKANGI
YGAEYKVRGFSGYLCELLIVFYGSFLETVKNARRWTRRTVIDVAKGEVRKGEEFFVVDPVDEKRNVAANLSLDNLARFVH
LCREFMEAPSLGFFKPKHPLEIEPERLRKIVEERGTAVFAVKFRKPDIVDDNLYPQLERASRKIFEFLERENFMPLRSAF
KASEEFCYLLFECQIKEISRVFRRMGPQFEDERNVKKFLSRNRAFRPFIENGRWWAFEMRKFTTPEEGVRSYASTHWHTL
GKNVGESIREYFEIISGEKLFKEPVTAELCEMMGVKD
;
A
#
# COMPACT_ATOMS: atom_id res chain seq x y z
N MET B 1 23.65 4.67 24.79
CA MET B 1 23.36 4.94 23.35
C MET B 1 23.34 3.64 22.55
N LYS B 2 23.04 2.55 23.25
CA LYS B 2 22.95 1.23 22.66
C LYS B 2 21.45 0.89 22.59
N VAL B 3 21.11 -0.12 21.80
CA VAL B 3 19.72 -0.53 21.62
C VAL B 3 18.86 -0.39 22.88
N GLU B 4 19.29 -1.03 23.97
CA GLU B 4 18.56 -1.00 25.24
C GLU B 4 18.17 0.42 25.65
N GLU B 5 19.11 1.34 25.50
CA GLU B 5 18.91 2.74 25.87
C GLU B 5 17.85 3.40 25.00
N ILE B 6 17.97 3.19 23.69
CA ILE B 6 17.05 3.77 22.71
C ILE B 6 15.62 3.28 22.84
N LEU B 7 15.45 2.00 23.11
CA LEU B 7 14.12 1.42 23.22
C LEU B 7 13.36 1.94 24.45
N GLU B 8 14.09 2.28 25.50
CA GLU B 8 13.46 2.82 26.71
C GLU B 8 12.83 4.16 26.37
N LYS B 9 13.53 4.92 25.54
CA LYS B 9 13.06 6.23 25.13
C LYS B 9 11.97 6.13 24.07
N ALA B 10 12.03 5.06 23.28
CA ALA B 10 11.05 4.84 22.21
C ALA B 10 9.67 4.52 22.78
N LEU B 11 9.65 3.65 23.78
CA LEU B 11 8.40 3.25 24.43
C LEU B 11 7.59 4.49 24.78
N GLU B 12 8.28 5.59 25.01
CA GLU B 12 7.64 6.84 25.37
C GLU B 12 6.85 7.46 24.21
N LEU B 13 7.20 7.08 22.98
CA LEU B 13 6.54 7.60 21.79
C LEU B 13 5.45 6.65 21.28
N VAL B 14 5.47 5.41 21.75
CA VAL B 14 4.51 4.42 21.30
C VAL B 14 3.45 4.05 22.36
N ILE B 15 3.83 4.11 23.63
CA ILE B 15 2.90 3.74 24.69
C ILE B 15 2.02 4.92 25.10
N PRO B 16 0.70 4.73 25.12
CA PRO B 16 -0.28 5.77 25.49
C PRO B 16 -0.09 6.23 26.92
N ASP B 17 -0.31 7.53 27.16
CA ASP B 17 -0.17 8.10 28.50
C ASP B 17 -1.47 7.93 29.29
N GLU B 18 -1.36 7.85 30.61
CA GLU B 18 -2.53 7.66 31.49
C GLU B 18 -3.82 8.36 31.04
N GLU B 19 -3.71 9.58 30.54
CA GLU B 19 -4.90 10.33 30.11
C GLU B 19 -5.54 9.76 28.86
N GLU B 20 -4.78 8.99 28.09
CA GLU B 20 -5.29 8.39 26.86
C GLU B 20 -5.85 7.01 27.19
N VAL B 21 -5.22 6.34 28.14
CA VAL B 21 -5.67 5.02 28.56
C VAL B 21 -6.99 5.21 29.30
N ARG B 22 -6.98 6.14 30.26
CA ARG B 22 -8.16 6.44 31.04
C ARG B 22 -9.33 6.81 30.13
N LYS B 23 -9.07 7.67 29.16
CA LYS B 23 -10.11 8.09 28.22
C LYS B 23 -10.76 6.85 27.58
N GLY B 24 -9.94 5.85 27.29
CA GLY B 24 -10.43 4.64 26.67
C GLY B 24 -11.18 3.71 27.61
N ARG B 25 -10.68 3.60 28.84
CA ARG B 25 -11.33 2.75 29.84
C ARG B 25 -12.74 3.27 30.08
N GLU B 26 -12.87 4.59 30.11
CA GLU B 26 -14.16 5.24 30.35
C GLU B 26 -15.15 5.07 29.20
N ALA B 27 -14.64 4.96 27.98
CA ALA B 27 -15.50 4.77 26.82
C ALA B 27 -15.95 3.31 26.84
N GLU B 28 -14.99 2.40 27.04
CA GLU B 28 -15.28 0.98 27.11
C GLU B 28 -16.31 0.71 28.19
N GLU B 29 -16.07 1.27 29.37
CA GLU B 29 -16.96 1.09 30.50
C GLU B 29 -18.38 1.53 30.07
N GLU B 30 -18.50 2.78 29.65
CA GLU B 30 -19.79 3.31 29.22
C GLU B 30 -20.41 2.54 28.06
N LEU B 31 -19.60 2.12 27.12
CA LEU B 31 -20.09 1.36 25.96
C LEU B 31 -20.65 0.00 26.40
N ARG B 32 -20.03 -0.60 27.41
CA ARG B 32 -20.48 -1.89 27.91
C ARG B 32 -21.87 -1.80 28.54
N ARG B 33 -22.13 -0.74 29.30
CA ARG B 33 -23.44 -0.58 29.94
C ARG B 33 -24.54 -0.43 28.90
N ARG B 34 -24.30 0.43 27.91
CA ARG B 34 -25.27 0.67 26.86
C ARG B 34 -25.62 -0.63 26.14
N LEU B 35 -24.62 -1.49 25.99
CA LEU B 35 -24.79 -2.78 25.32
C LEU B 35 -25.49 -3.80 26.20
N ASP B 36 -25.12 -3.83 27.48
CA ASP B 36 -25.72 -4.78 28.40
C ASP B 36 -27.18 -4.44 28.67
N GLU B 37 -27.51 -3.15 28.64
CA GLU B 37 -28.88 -2.72 28.87
C GLU B 37 -29.76 -3.25 27.75
N LEU B 38 -29.17 -3.54 26.60
CA LEU B 38 -29.93 -4.07 25.47
C LEU B 38 -29.75 -5.58 25.42
N GLY B 39 -28.94 -6.12 26.32
CA GLY B 39 -28.71 -7.55 26.35
C GLY B 39 -28.16 -8.02 25.01
N VAL B 40 -27.15 -7.33 24.51
CA VAL B 40 -26.53 -7.70 23.25
C VAL B 40 -25.32 -8.60 23.47
N GLU B 41 -25.16 -9.61 22.64
CA GLU B 41 -24.05 -10.52 22.75
C GLU B 41 -22.92 -9.98 21.88
N TYR B 42 -21.86 -9.51 22.53
CA TYR B 42 -20.73 -8.92 21.83
C TYR B 42 -19.39 -9.36 22.41
N VAL B 43 -18.33 -8.92 21.76
CA VAL B 43 -16.99 -9.21 22.23
C VAL B 43 -16.07 -8.10 21.73
N PHE B 44 -15.24 -7.59 22.64
CA PHE B 44 -14.28 -6.54 22.26
C PHE B 44 -13.07 -7.21 21.62
N VAL B 45 -12.72 -6.76 20.43
CA VAL B 45 -11.57 -7.31 19.74
C VAL B 45 -10.63 -6.14 19.37
N GLY B 46 -9.62 -6.42 18.56
CA GLY B 46 -8.71 -5.36 18.17
C GLY B 46 -7.61 -5.09 19.17
N SER B 47 -6.75 -4.14 18.85
CA SER B 47 -5.64 -3.77 19.70
C SER B 47 -6.06 -3.09 21.01
N TYR B 48 -7.26 -2.52 21.03
CA TYR B 48 -7.70 -1.88 22.26
C TYR B 48 -8.01 -2.93 23.30
N ALA B 49 -8.63 -4.02 22.83
CA ALA B 49 -9.01 -5.13 23.70
C ALA B 49 -7.79 -5.84 24.27
N ARG B 50 -6.69 -5.77 23.53
CA ARG B 50 -5.44 -6.42 23.95
C ARG B 50 -4.36 -5.41 24.36
N ASN B 51 -4.78 -4.18 24.64
CA ASN B 51 -3.86 -3.11 25.05
C ASN B 51 -2.56 -3.11 24.25
N THR B 52 -2.68 -3.12 22.92
CA THR B 52 -1.52 -3.11 22.06
C THR B 52 -1.65 -2.00 21.03
N TRP B 53 -2.59 -1.08 21.27
CA TRP B 53 -2.83 0.02 20.34
C TRP B 53 -1.77 1.11 20.50
N LEU B 54 -1.27 1.57 19.36
CA LEU B 54 -0.23 2.59 19.32
C LEU B 54 -0.72 3.94 19.80
N LYS B 55 0.12 4.61 20.60
CA LYS B 55 -0.21 5.93 21.14
C LYS B 55 -0.86 6.81 20.07
N GLY B 56 -1.95 7.48 20.44
CA GLY B 56 -2.62 8.35 19.50
C GLY B 56 -3.54 7.67 18.50
N SER B 57 -3.65 6.34 18.58
CA SER B 57 -4.52 5.61 17.68
C SER B 57 -5.58 4.83 18.44
N LEU B 58 -6.18 5.47 19.44
CA LEU B 58 -7.20 4.81 20.23
C LEU B 58 -8.51 4.66 19.46
N GLU B 59 -8.95 3.42 19.31
CA GLU B 59 -10.19 3.11 18.63
C GLU B 59 -10.66 1.74 19.13
N ILE B 60 -11.89 1.71 19.61
CA ILE B 60 -12.50 0.50 20.17
C ILE B 60 -13.27 -0.31 19.13
N ASP B 61 -12.98 -1.61 19.04
CA ASP B 61 -13.66 -2.48 18.09
C ASP B 61 -14.64 -3.39 18.82
N VAL B 62 -15.93 -3.23 18.53
CA VAL B 62 -16.98 -4.04 19.15
C VAL B 62 -17.64 -4.88 18.08
N PHE B 63 -17.40 -6.18 18.13
CA PHE B 63 -17.97 -7.13 17.17
C PHE B 63 -19.20 -7.81 17.77
N LEU B 64 -20.34 -7.71 17.10
CA LEU B 64 -21.57 -8.31 17.58
C LEU B 64 -21.70 -9.76 17.11
N LEU B 65 -21.78 -10.69 18.06
CA LEU B 65 -21.91 -12.10 17.71
C LEU B 65 -23.33 -12.46 17.33
N PHE B 66 -23.52 -12.83 16.07
CA PHE B 66 -24.83 -13.20 15.56
C PHE B 66 -24.94 -14.69 15.30
N PRO B 67 -26.12 -15.27 15.60
CA PRO B 67 -26.36 -16.70 15.40
C PRO B 67 -25.97 -17.10 13.98
N GLU B 68 -25.32 -18.24 13.85
CA GLU B 68 -24.86 -18.75 12.56
C GLU B 68 -25.89 -18.76 11.44
N GLU B 69 -27.12 -19.15 11.76
CA GLU B 69 -28.19 -19.23 10.76
C GLU B 69 -28.71 -17.94 10.13
N PHE B 70 -28.58 -16.82 10.84
CA PHE B 70 -29.06 -15.53 10.31
C PHE B 70 -28.58 -15.25 8.89
N SER B 71 -29.34 -14.42 8.20
CA SER B 71 -29.03 -14.03 6.83
C SER B 71 -28.12 -12.80 6.96
N LYS B 72 -27.30 -12.54 5.94
CA LYS B 72 -26.40 -11.38 6.00
C LYS B 72 -27.23 -10.11 6.18
N GLU B 73 -28.42 -10.10 5.61
CA GLU B 73 -29.33 -8.97 5.70
C GLU B 73 -29.69 -8.64 7.16
N GLU B 74 -29.94 -9.67 7.97
CA GLU B 74 -30.28 -9.47 9.38
C GLU B 74 -29.11 -8.85 10.13
N LEU B 75 -27.92 -9.42 9.93
CA LEU B 75 -26.73 -8.92 10.59
C LEU B 75 -26.58 -7.43 10.35
N ARG B 76 -26.76 -6.98 9.11
CA ARG B 76 -26.61 -5.56 8.83
C ARG B 76 -27.73 -4.71 9.43
N GLU B 77 -28.96 -5.17 9.29
CA GLU B 77 -30.11 -4.42 9.83
C GLU B 77 -30.10 -4.36 11.36
N ARG B 78 -30.00 -5.51 12.03
CA ARG B 78 -29.99 -5.48 13.49
C ARG B 78 -28.70 -4.81 13.99
N GLY B 79 -27.64 -4.96 13.22
CA GLY B 79 -26.37 -4.34 13.58
C GLY B 79 -26.46 -2.84 13.45
N LEU B 80 -27.17 -2.38 12.41
CA LEU B 80 -27.33 -0.95 12.19
C LEU B 80 -28.25 -0.37 13.25
N GLU B 81 -29.13 -1.20 13.79
CA GLU B 81 -30.05 -0.73 14.81
C GLU B 81 -29.31 -0.57 16.12
N ILE B 82 -28.49 -1.56 16.45
CA ILE B 82 -27.71 -1.56 17.69
C ILE B 82 -26.66 -0.44 17.75
N GLY B 83 -25.85 -0.32 16.70
CA GLY B 83 -24.84 0.71 16.69
C GLY B 83 -25.46 2.08 16.83
N LYS B 84 -26.61 2.23 16.18
CA LYS B 84 -27.36 3.48 16.17
C LYS B 84 -27.78 3.86 17.59
N ALA B 85 -28.24 2.86 18.35
CA ALA B 85 -28.72 3.08 19.70
C ALA B 85 -27.63 3.23 20.78
N VAL B 86 -26.45 2.69 20.52
CA VAL B 86 -25.39 2.74 21.50
C VAL B 86 -24.30 3.81 21.32
N LEU B 87 -24.32 4.49 20.17
CA LEU B 87 -23.31 5.50 19.89
C LEU B 87 -23.79 6.92 20.14
N ASP B 88 -22.85 7.83 20.41
CA ASP B 88 -23.20 9.23 20.60
C ASP B 88 -23.49 9.84 19.22
N SER B 89 -22.72 9.43 18.22
CA SER B 89 -22.86 9.87 16.82
C SER B 89 -22.51 8.65 15.97
N TYR B 90 -23.24 8.44 14.88
CA TYR B 90 -22.96 7.28 14.05
C TYR B 90 -22.82 7.61 12.58
N GLU B 91 -22.24 6.67 11.85
CA GLU B 91 -21.98 6.83 10.44
C GLU B 91 -21.80 5.44 9.86
N ILE B 92 -22.46 5.14 8.76
CA ILE B 92 -22.34 3.83 8.14
C ILE B 92 -21.04 3.72 7.35
N ARG B 93 -20.37 2.59 7.53
CA ARG B 93 -19.11 2.31 6.87
C ARG B 93 -19.38 1.09 6.01
N TYR B 94 -18.51 0.85 5.03
CA TYR B 94 -18.69 -0.30 4.16
C TYR B 94 -17.37 -1.04 3.98
N ALA B 95 -17.39 -2.33 4.28
CA ALA B 95 -16.21 -3.17 4.10
C ALA B 95 -16.71 -4.23 3.13
N GLU B 96 -16.55 -5.49 3.51
CA GLU B 96 -17.01 -6.61 2.70
C GLU B 96 -18.53 -6.44 2.73
N HIS B 97 -19.02 -5.94 3.86
CA HIS B 97 -20.44 -5.66 4.13
C HIS B 97 -20.44 -4.41 5.00
N PRO B 98 -21.57 -3.70 5.08
CA PRO B 98 -21.61 -2.49 5.90
C PRO B 98 -21.65 -2.73 7.42
N TYR B 99 -21.16 -1.75 8.16
CA TYR B 99 -21.17 -1.80 9.62
C TYR B 99 -21.35 -0.36 10.10
N VAL B 100 -21.16 -0.13 11.40
CA VAL B 100 -21.34 1.23 11.90
C VAL B 100 -20.11 1.78 12.60
N HIS B 101 -19.88 3.07 12.40
CA HIS B 101 -18.75 3.73 13.05
C HIS B 101 -19.33 4.90 13.82
N GLY B 102 -18.71 5.24 14.95
CA GLY B 102 -19.23 6.34 15.73
C GLY B 102 -18.29 6.75 16.83
N VAL B 103 -18.83 7.46 17.81
CA VAL B 103 -18.08 7.96 18.95
C VAL B 103 -18.83 7.70 20.25
N VAL B 104 -18.07 7.54 21.33
CA VAL B 104 -18.62 7.31 22.67
C VAL B 104 -17.67 7.98 23.66
N LYS B 105 -18.17 8.96 24.40
CA LYS B 105 -17.35 9.70 25.35
C LYS B 105 -16.01 10.06 24.73
N GLY B 106 -16.06 10.68 23.56
CA GLY B 106 -14.85 11.10 22.89
C GLY B 106 -13.96 10.11 22.16
N VAL B 107 -14.32 8.84 22.06
CA VAL B 107 -13.45 7.91 21.36
C VAL B 107 -14.10 7.10 20.22
N GLU B 108 -13.32 6.96 19.14
CA GLU B 108 -13.74 6.25 17.94
C GLU B 108 -14.14 4.81 18.23
N VAL B 109 -15.31 4.41 17.72
CA VAL B 109 -15.78 3.06 17.91
C VAL B 109 -16.35 2.43 16.63
N ASP B 110 -16.10 1.14 16.46
CA ASP B 110 -16.62 0.41 15.31
C ASP B 110 -17.57 -0.64 15.88
N VAL B 111 -18.79 -0.70 15.35
CA VAL B 111 -19.75 -1.71 15.79
C VAL B 111 -19.96 -2.56 14.56
N VAL B 112 -19.30 -3.71 14.55
CA VAL B 112 -19.27 -4.64 13.42
C VAL B 112 -20.06 -5.94 13.60
N PRO B 113 -21.05 -6.18 12.71
CA PRO B 113 -21.83 -7.40 12.82
C PRO B 113 -21.01 -8.56 12.25
N CYS B 114 -21.03 -9.70 12.90
CA CYS B 114 -20.30 -10.87 12.43
C CYS B 114 -21.01 -12.10 12.98
N TYR B 115 -20.65 -13.27 12.46
CA TYR B 115 -21.25 -14.51 12.91
C TYR B 115 -20.48 -15.14 14.07
N LYS B 116 -21.21 -15.74 15.00
CA LYS B 116 -20.59 -16.40 16.15
C LYS B 116 -20.44 -17.86 15.72
N LEU B 117 -19.19 -18.30 15.54
CA LEU B 117 -18.94 -19.66 15.12
C LEU B 117 -17.83 -20.34 15.89
N LYS B 118 -17.83 -21.67 15.85
CA LYS B 118 -16.75 -22.42 16.47
C LYS B 118 -16.12 -23.14 15.27
N GLU B 119 -14.80 -23.03 15.16
CA GLU B 119 -14.04 -23.62 14.06
C GLU B 119 -14.04 -22.67 12.86
N PRO B 120 -12.84 -22.21 12.45
CA PRO B 120 -12.60 -21.30 11.33
C PRO B 120 -13.37 -21.64 10.05
N LYS B 121 -13.59 -22.93 9.82
CA LYS B 121 -14.34 -23.36 8.64
C LYS B 121 -15.70 -22.68 8.81
N ASN B 122 -16.35 -22.30 7.71
CA ASN B 122 -17.65 -21.64 7.75
C ASN B 122 -17.60 -20.12 7.93
N ILE B 123 -16.40 -19.55 7.84
CA ILE B 123 -16.24 -18.10 7.80
C ILE B 123 -16.86 -17.61 6.50
N LYS B 124 -17.76 -16.63 6.59
CA LYS B 124 -18.43 -16.12 5.40
C LYS B 124 -17.87 -14.77 4.93
N SER B 125 -17.14 -14.09 5.82
CA SER B 125 -16.51 -12.80 5.53
C SER B 125 -15.26 -12.71 6.39
N ALA B 126 -14.38 -11.77 6.05
CA ALA B 126 -13.15 -11.60 6.81
C ALA B 126 -13.47 -11.23 8.26
N VAL B 127 -14.51 -10.44 8.46
CA VAL B 127 -14.88 -10.03 9.81
C VAL B 127 -15.19 -11.22 10.72
N ASP B 128 -15.52 -12.37 10.14
CA ASP B 128 -15.84 -13.53 10.95
C ASP B 128 -14.58 -14.17 11.50
N ARG B 129 -13.48 -14.01 10.76
CA ARG B 129 -12.21 -14.60 11.18
C ARG B 129 -11.62 -13.82 12.34
N THR B 130 -11.95 -12.54 12.42
CA THR B 130 -11.45 -11.68 13.48
C THR B 130 -11.60 -12.24 14.89
N PRO B 131 -12.80 -12.72 15.26
CA PRO B 131 -12.95 -13.26 16.61
C PRO B 131 -11.92 -14.35 16.92
N PHE B 132 -11.69 -15.24 15.97
CA PHE B 132 -10.71 -16.30 16.14
C PHE B 132 -9.32 -15.71 16.32
N HIS B 133 -9.02 -14.70 15.50
CA HIS B 133 -7.74 -14.04 15.58
C HIS B 133 -7.54 -13.47 16.98
N HIS B 134 -8.59 -12.87 17.53
CA HIS B 134 -8.51 -12.29 18.87
C HIS B 134 -8.28 -13.39 19.92
N LYS B 135 -9.05 -14.46 19.83
CA LYS B 135 -8.92 -15.58 20.78
C LYS B 135 -7.51 -16.15 20.81
N TRP B 136 -6.93 -16.37 19.64
CA TRP B 136 -5.58 -16.93 19.56
C TRP B 136 -4.56 -15.97 20.15
N LEU B 137 -4.82 -14.68 20.03
CA LEU B 137 -3.89 -13.65 20.50
C LEU B 137 -3.92 -13.25 21.96
N GLU B 138 -5.11 -13.12 22.55
CA GLU B 138 -5.21 -12.66 23.95
C GLU B 138 -4.41 -13.45 24.98
N GLY B 139 -4.45 -14.76 24.89
CA GLY B 139 -3.71 -15.54 25.85
C GLY B 139 -2.22 -15.58 25.61
N ARG B 140 -1.78 -15.35 24.37
CA ARG B 140 -0.35 -15.43 24.06
C ARG B 140 0.41 -14.11 23.99
N ILE B 141 -0.26 -13.02 23.68
CA ILE B 141 0.44 -11.75 23.55
C ILE B 141 0.57 -11.04 24.90
N LYS B 142 -0.27 -11.46 25.86
CA LYS B 142 -0.26 -10.91 27.20
C LYS B 142 1.18 -10.78 27.71
N GLY B 143 1.52 -9.61 28.24
CA GLY B 143 2.86 -9.40 28.77
C GLY B 143 3.84 -8.78 27.79
N LYS B 144 3.54 -8.86 26.48
CA LYS B 144 4.42 -8.32 25.47
C LYS B 144 3.82 -7.14 24.70
N GLU B 145 2.73 -6.59 25.21
CA GLU B 145 2.05 -5.49 24.54
C GLU B 145 2.92 -4.27 24.15
N ASN B 146 3.94 -3.94 24.93
CA ASN B 146 4.78 -2.80 24.56
C ASN B 146 5.78 -3.18 23.47
N GLU B 147 6.05 -4.48 23.34
CA GLU B 147 6.96 -4.95 22.30
C GLU B 147 6.22 -4.79 20.95
N VAL B 148 4.90 -4.96 20.99
CA VAL B 148 4.06 -4.81 19.80
C VAL B 148 4.03 -3.34 19.40
N ARG B 149 3.88 -2.47 20.39
CA ARG B 149 3.84 -1.03 20.14
C ARG B 149 5.15 -0.51 19.56
N LEU B 150 6.27 -1.01 20.07
CA LEU B 150 7.57 -0.60 19.56
C LEU B 150 7.67 -0.98 18.08
N LEU B 151 7.17 -2.15 17.74
CA LEU B 151 7.20 -2.61 16.35
C LEU B 151 6.25 -1.79 15.48
N LYS B 152 5.11 -1.41 16.03
CA LYS B 152 4.14 -0.63 15.29
C LYS B 152 4.69 0.76 15.01
N GLY B 153 5.28 1.36 16.05
CA GLY B 153 5.83 2.69 15.90
C GLY B 153 6.98 2.74 14.91
N PHE B 154 7.80 1.69 14.92
CA PHE B 154 8.94 1.58 14.02
C PHE B 154 8.44 1.60 12.56
N LEU B 155 7.54 0.67 12.26
CA LEU B 155 6.94 0.55 10.92
C LEU B 155 6.19 1.81 10.49
N LYS B 156 5.47 2.41 11.42
CA LYS B 156 4.71 3.62 11.14
C LYS B 156 5.67 4.74 10.76
N ALA B 157 6.63 5.02 11.63
CA ALA B 157 7.59 6.09 11.37
C ALA B 157 8.26 5.93 10.00
N ASN B 158 8.37 4.69 9.54
CA ASN B 158 9.01 4.39 8.26
C ASN B 158 8.04 4.10 7.12
N GLY B 159 6.83 4.64 7.21
CA GLY B 159 5.82 4.49 6.18
C GLY B 159 5.42 3.11 5.66
N ILE B 160 5.44 2.11 6.52
CA ILE B 160 5.07 0.76 6.09
C ILE B 160 4.07 0.01 6.95
N TYR B 161 3.42 0.70 7.88
CA TYR B 161 2.63 0.04 8.89
C TYR B 161 1.26 -0.54 8.54
N GLY B 162 0.42 0.17 7.80
CA GLY B 162 -0.82 -0.47 7.39
C GLY B 162 -0.70 -1.55 6.31
N ALA B 163 -1.71 -2.42 6.22
CA ALA B 163 -1.69 -3.47 5.19
C ALA B 163 -2.62 -3.12 4.04
N GLU B 164 -3.22 -1.93 4.08
CA GLU B 164 -4.11 -1.52 3.00
C GLU B 164 -3.29 -1.13 1.76
N TYR B 165 -3.95 -1.04 0.62
CA TYR B 165 -3.27 -0.73 -0.62
C TYR B 165 -2.48 0.55 -0.71
N LYS B 166 -2.83 1.57 0.06
CA LYS B 166 -2.04 2.80 0.00
C LYS B 166 -0.67 2.56 0.65
N VAL B 167 -0.53 1.47 1.40
CA VAL B 167 0.73 1.19 2.08
C VAL B 167 1.38 -0.14 1.74
N ARG B 168 0.56 -1.18 1.57
CA ARG B 168 1.10 -2.51 1.28
C ARG B 168 2.18 -2.92 2.29
N GLY B 169 1.91 -2.65 3.56
CA GLY B 169 2.86 -2.98 4.62
C GLY B 169 2.42 -4.07 5.58
N PHE B 170 2.86 -3.96 6.82
CA PHE B 170 2.56 -4.93 7.88
C PHE B 170 1.36 -4.69 8.77
N SER B 171 0.27 -5.43 8.59
CA SER B 171 -0.95 -5.17 9.37
C SER B 171 -0.68 -5.31 10.86
N GLY B 172 -1.59 -4.80 11.68
CA GLY B 172 -1.44 -4.91 13.13
C GLY B 172 -1.31 -6.38 13.51
N TYR B 173 -2.29 -7.18 13.09
CA TYR B 173 -2.30 -8.61 13.36
C TYR B 173 -0.95 -9.26 13.02
N LEU B 174 -0.35 -8.87 11.90
CA LEU B 174 0.93 -9.43 11.51
C LEU B 174 1.98 -9.07 12.55
N CYS B 175 1.90 -7.85 13.08
CA CYS B 175 2.85 -7.39 14.08
C CYS B 175 2.78 -8.25 15.34
N GLU B 176 1.56 -8.55 15.77
CA GLU B 176 1.38 -9.36 16.97
C GLU B 176 1.81 -10.79 16.80
N LEU B 177 1.59 -11.37 15.62
CA LEU B 177 2.04 -12.74 15.40
C LEU B 177 3.57 -12.72 15.41
N LEU B 178 4.16 -11.62 14.95
CA LEU B 178 5.62 -11.52 14.93
C LEU B 178 6.22 -11.49 16.34
N ILE B 179 5.55 -10.81 17.27
CA ILE B 179 6.05 -10.75 18.64
C ILE B 179 5.84 -12.09 19.33
N VAL B 180 4.70 -12.71 19.08
CA VAL B 180 4.45 -14.00 19.69
C VAL B 180 5.53 -14.97 19.25
N PHE B 181 6.00 -14.79 18.01
CA PHE B 181 7.03 -15.66 17.45
C PHE B 181 8.45 -15.37 17.94
N TYR B 182 8.88 -14.13 17.79
CA TYR B 182 10.23 -13.79 18.21
C TYR B 182 10.36 -13.45 19.67
N GLY B 183 9.25 -13.10 20.31
CA GLY B 183 9.30 -12.78 21.74
C GLY B 183 9.38 -11.31 22.08
N SER B 184 9.93 -10.50 21.18
CA SER B 184 10.05 -9.07 21.44
C SER B 184 10.44 -8.32 20.17
N PHE B 185 10.43 -7.00 20.26
CA PHE B 185 10.78 -6.14 19.13
C PHE B 185 12.23 -6.35 18.71
N LEU B 186 13.13 -6.39 19.67
CA LEU B 186 14.54 -6.58 19.35
C LEU B 186 14.79 -7.89 18.62
N GLU B 187 14.20 -8.98 19.11
CA GLU B 187 14.39 -10.27 18.46
C GLU B 187 13.77 -10.32 17.06
N THR B 188 12.65 -9.63 16.87
CA THR B 188 12.01 -9.60 15.56
C THR B 188 12.96 -8.89 14.60
N VAL B 189 13.47 -7.75 15.05
CA VAL B 189 14.40 -6.97 14.24
C VAL B 189 15.68 -7.75 13.92
N LYS B 190 16.33 -8.29 14.96
CA LYS B 190 17.56 -9.05 14.74
C LYS B 190 17.37 -10.13 13.67
N ASN B 191 16.36 -10.96 13.85
CA ASN B 191 16.10 -12.05 12.92
C ASN B 191 15.61 -11.58 11.55
N ALA B 192 14.82 -10.50 11.55
CA ALA B 192 14.30 -9.94 10.30
C ALA B 192 15.44 -9.67 9.31
N ARG B 193 16.61 -9.29 9.83
CA ARG B 193 17.78 -9.01 9.00
C ARG B 193 18.21 -10.19 8.15
N ARG B 194 17.68 -11.38 8.48
CA ARG B 194 18.02 -12.61 7.78
C ARG B 194 16.92 -13.05 6.83
N TRP B 195 15.81 -12.32 6.86
CA TRP B 195 14.67 -12.64 5.99
C TRP B 195 14.98 -12.51 4.50
N THR B 196 14.38 -13.39 3.71
CA THR B 196 14.57 -13.38 2.26
C THR B 196 13.19 -13.32 1.64
N ARG B 197 13.15 -13.11 0.34
CA ARG B 197 11.87 -13.06 -0.36
C ARG B 197 11.26 -14.47 -0.42
N ARG B 198 11.92 -15.43 0.20
CA ARG B 198 11.43 -16.80 0.20
C ARG B 198 11.05 -17.29 1.60
N THR B 199 11.23 -16.44 2.60
CA THR B 199 10.95 -16.81 3.97
C THR B 199 9.49 -17.16 4.27
N VAL B 200 9.31 -18.12 5.17
CA VAL B 200 7.99 -18.57 5.58
C VAL B 200 8.04 -18.71 7.11
N ILE B 201 7.16 -17.99 7.79
CA ILE B 201 7.10 -18.05 9.23
C ILE B 201 5.79 -18.69 9.64
N ASP B 202 5.86 -19.94 10.11
CA ASP B 202 4.67 -20.67 10.52
C ASP B 202 4.57 -20.59 12.04
N VAL B 203 3.78 -19.66 12.55
CA VAL B 203 3.61 -19.46 13.99
C VAL B 203 3.16 -20.70 14.75
N ALA B 204 2.11 -21.33 14.27
CA ALA B 204 1.54 -22.52 14.89
C ALA B 204 2.58 -23.64 15.08
N LYS B 205 3.40 -23.88 14.07
CA LYS B 205 4.41 -24.92 14.18
C LYS B 205 5.72 -24.37 14.77
N GLY B 206 5.73 -23.08 15.09
CA GLY B 206 6.93 -22.45 15.63
C GLY B 206 8.12 -22.75 14.74
N GLU B 207 7.91 -22.58 13.44
CA GLU B 207 8.93 -22.89 12.45
C GLU B 207 9.18 -21.80 11.39
N VAL B 208 10.35 -21.87 10.77
CA VAL B 208 10.73 -20.95 9.69
C VAL B 208 11.28 -21.84 8.58
N ARG B 209 10.79 -21.66 7.37
CA ARG B 209 11.25 -22.46 6.25
C ARG B 209 11.34 -21.66 4.95
N LYS B 210 11.79 -22.32 3.89
CA LYS B 210 11.95 -21.67 2.60
C LYS B 210 10.72 -21.99 1.76
N GLY B 211 10.03 -20.96 1.29
CA GLY B 211 8.85 -21.17 0.48
C GLY B 211 9.06 -20.56 -0.89
N GLU B 212 7.97 -20.24 -1.58
CA GLU B 212 8.06 -19.64 -2.91
C GLU B 212 7.79 -18.15 -2.85
N GLU B 213 7.44 -17.67 -1.65
CA GLU B 213 7.15 -16.26 -1.42
C GLU B 213 7.19 -15.99 0.07
N PHE B 214 7.24 -14.71 0.46
CA PHE B 214 7.24 -14.38 1.88
C PHE B 214 5.87 -14.79 2.35
N PHE B 215 5.83 -15.67 3.34
CA PHE B 215 4.54 -16.19 3.80
C PHE B 215 4.49 -16.42 5.31
N VAL B 216 3.66 -15.63 5.98
CA VAL B 216 3.45 -15.76 7.42
C VAL B 216 2.11 -16.47 7.53
N VAL B 217 2.15 -17.77 7.82
CA VAL B 217 0.91 -18.53 7.91
C VAL B 217 0.06 -18.23 9.12
N ASP B 218 -1.22 -17.99 8.86
CA ASP B 218 -2.20 -17.67 9.88
C ASP B 218 -2.39 -18.85 10.82
N PRO B 219 -2.27 -18.63 12.13
CA PRO B 219 -2.43 -19.70 13.12
C PRO B 219 -3.85 -20.30 13.06
N VAL B 220 -4.81 -19.45 12.74
CA VAL B 220 -6.22 -19.82 12.65
C VAL B 220 -6.60 -20.44 11.31
N ASP B 221 -5.66 -20.44 10.37
CA ASP B 221 -5.93 -20.99 9.04
C ASP B 221 -4.64 -21.10 8.26
N GLU B 222 -4.08 -22.31 8.22
CA GLU B 222 -2.82 -22.56 7.54
C GLU B 222 -2.74 -22.14 6.07
N LYS B 223 -3.87 -22.12 5.38
CA LYS B 223 -3.88 -21.75 3.96
C LYS B 223 -3.82 -20.25 3.69
N ARG B 224 -3.89 -19.45 4.75
CA ARG B 224 -3.88 -18.01 4.63
C ARG B 224 -2.53 -17.35 4.99
N ASN B 225 -2.12 -16.38 4.19
CA ASN B 225 -0.87 -15.65 4.41
C ASN B 225 -1.19 -14.28 4.98
N VAL B 226 -0.82 -14.08 6.24
CA VAL B 226 -1.09 -12.82 6.92
C VAL B 226 -0.40 -11.62 6.25
N ALA B 227 0.79 -11.86 5.71
CA ALA B 227 1.58 -10.82 5.04
C ALA B 227 1.32 -10.81 3.53
N ALA B 228 0.18 -11.38 3.12
CA ALA B 228 -0.17 -11.46 1.71
C ALA B 228 0.04 -10.17 0.95
N ASN B 229 -0.40 -9.06 1.54
CA ASN B 229 -0.30 -7.76 0.90
C ASN B 229 0.94 -6.95 1.28
N LEU B 230 1.98 -7.62 1.78
CA LEU B 230 3.21 -6.91 2.10
C LEU B 230 4.01 -6.94 0.81
N SER B 231 4.19 -5.78 0.18
CA SER B 231 4.91 -5.73 -1.08
C SER B 231 6.36 -6.15 -0.95
N LEU B 232 6.90 -6.69 -2.04
CA LEU B 232 8.28 -7.13 -2.09
C LEU B 232 9.23 -5.99 -1.70
N ASP B 233 8.99 -4.80 -2.25
CA ASP B 233 9.87 -3.68 -1.93
C ASP B 233 9.73 -3.18 -0.49
N ASN B 234 8.53 -3.31 0.10
CA ASN B 234 8.37 -2.88 1.48
C ASN B 234 9.03 -3.89 2.39
N LEU B 235 9.01 -5.15 1.98
CA LEU B 235 9.64 -6.22 2.75
C LEU B 235 11.12 -5.90 2.75
N ALA B 236 11.63 -5.56 1.56
CA ALA B 236 13.04 -5.22 1.39
C ALA B 236 13.44 -4.01 2.22
N ARG B 237 12.61 -2.97 2.22
CA ARG B 237 12.97 -1.79 3.01
C ARG B 237 13.03 -2.15 4.47
N PHE B 238 12.06 -2.92 4.95
CA PHE B 238 12.06 -3.32 6.35
C PHE B 238 13.35 -4.04 6.73
N VAL B 239 13.66 -5.09 5.97
CA VAL B 239 14.87 -5.87 6.23
C VAL B 239 16.08 -4.95 6.30
N HIS B 240 16.21 -4.08 5.32
CA HIS B 240 17.33 -3.15 5.28
C HIS B 240 17.34 -2.27 6.52
N LEU B 241 16.14 -1.82 6.92
CA LEU B 241 16.00 -0.96 8.08
C LEU B 241 16.45 -1.64 9.37
N CYS B 242 16.25 -2.95 9.45
CA CYS B 242 16.64 -3.69 10.64
C CYS B 242 18.15 -3.78 10.72
N ARG B 243 18.80 -3.93 9.58
CA ARG B 243 20.25 -4.03 9.57
C ARG B 243 20.83 -2.70 10.06
N GLU B 244 20.28 -1.60 9.55
CA GLU B 244 20.73 -0.27 9.93
C GLU B 244 20.51 0.05 11.39
N PHE B 245 19.31 -0.23 11.89
CA PHE B 245 19.01 0.04 13.28
C PHE B 245 19.98 -0.71 14.19
N MET B 246 20.21 -1.98 13.87
CA MET B 246 21.12 -2.79 14.67
C MET B 246 22.56 -2.34 14.54
N GLU B 247 22.91 -1.75 13.40
CA GLU B 247 24.27 -1.30 13.19
C GLU B 247 24.54 0.02 13.93
N ALA B 248 23.48 0.83 14.06
CA ALA B 248 23.58 2.13 14.72
C ALA B 248 22.21 2.56 15.22
N PRO B 249 21.75 1.98 16.35
CA PRO B 249 20.44 2.31 16.93
C PRO B 249 20.28 3.81 17.11
N SER B 250 19.06 4.30 16.91
CA SER B 250 18.76 5.72 17.06
C SER B 250 17.27 5.90 17.33
N LEU B 251 16.93 6.93 18.10
CA LEU B 251 15.53 7.18 18.40
C LEU B 251 14.83 7.75 17.18
N GLY B 252 15.63 8.05 16.15
CA GLY B 252 15.09 8.61 14.92
C GLY B 252 14.27 7.61 14.14
N PHE B 253 14.52 6.32 14.38
CA PHE B 253 13.81 5.24 13.69
C PHE B 253 12.35 5.15 14.12
N PHE B 254 11.99 5.88 15.17
CA PHE B 254 10.63 5.85 15.65
C PHE B 254 9.92 7.19 15.48
N LYS B 255 10.62 8.17 14.90
CA LYS B 255 10.05 9.49 14.67
C LYS B 255 9.74 9.68 13.20
N PRO B 256 8.49 10.07 12.86
CA PRO B 256 8.13 10.26 11.46
C PRO B 256 9.07 11.26 10.82
N LYS B 257 9.54 10.97 9.62
CA LYS B 257 10.47 11.84 8.93
C LYS B 257 9.76 13.09 8.43
N HIS B 258 10.42 14.24 8.54
CA HIS B 258 9.84 15.51 8.10
C HIS B 258 9.67 15.59 6.58
N PRO B 259 8.55 16.15 6.12
CA PRO B 259 8.23 16.29 4.70
C PRO B 259 9.39 16.83 3.87
N LEU B 260 10.34 17.48 4.54
CA LEU B 260 11.51 18.07 3.89
C LEU B 260 11.39 18.83 2.57
N GLU B 261 10.37 19.69 2.50
CA GLU B 261 9.95 20.32 1.27
C GLU B 261 11.11 21.09 0.64
N ILE B 262 11.12 21.11 -0.68
CA ILE B 262 12.18 21.78 -1.44
C ILE B 262 11.61 22.93 -2.26
N GLU B 263 12.40 23.98 -2.47
CA GLU B 263 11.92 25.09 -3.27
C GLU B 263 11.93 24.63 -4.72
N PRO B 264 10.86 24.91 -5.47
CA PRO B 264 10.80 24.49 -6.87
C PRO B 264 11.98 24.97 -7.71
N GLU B 265 12.68 25.99 -7.25
CA GLU B 265 13.81 26.48 -8.03
C GLU B 265 14.90 25.43 -8.02
N ARG B 266 15.22 24.92 -6.84
CA ARG B 266 16.25 23.90 -6.69
C ARG B 266 15.86 22.63 -7.45
N LEU B 267 14.56 22.33 -7.50
CA LEU B 267 14.07 21.16 -8.20
C LEU B 267 14.37 21.35 -9.70
N ARG B 268 14.03 22.52 -10.22
CA ARG B 268 14.27 22.86 -11.62
C ARG B 268 15.73 22.64 -11.98
N LYS B 269 16.64 23.12 -11.13
CA LYS B 269 18.08 22.99 -11.35
C LYS B 269 18.53 21.53 -11.41
N ILE B 270 18.01 20.74 -10.48
CA ILE B 270 18.34 19.32 -10.41
C ILE B 270 17.90 18.57 -11.65
N VAL B 271 16.70 18.89 -12.14
CA VAL B 271 16.18 18.23 -13.34
C VAL B 271 17.04 18.63 -14.54
N GLU B 272 17.58 19.83 -14.47
CA GLU B 272 18.41 20.37 -15.53
C GLU B 272 19.72 19.60 -15.55
N GLU B 273 20.33 19.46 -14.38
CA GLU B 273 21.58 18.73 -14.21
C GLU B 273 21.42 17.29 -14.71
N ARG B 274 20.25 16.71 -14.44
CA ARG B 274 19.96 15.35 -14.86
C ARG B 274 19.76 15.23 -16.36
N GLY B 275 19.29 16.30 -16.98
CA GLY B 275 19.07 16.31 -18.41
C GLY B 275 17.96 15.38 -18.88
N THR B 276 17.15 14.91 -17.96
CA THR B 276 16.07 14.00 -18.33
C THR B 276 14.76 14.72 -18.60
N ALA B 277 13.77 13.96 -19.06
CA ALA B 277 12.45 14.51 -19.32
C ALA B 277 11.64 14.15 -18.09
N VAL B 278 11.09 15.18 -17.44
CA VAL B 278 10.30 14.95 -16.24
C VAL B 278 8.94 15.52 -16.53
N PHE B 279 7.92 14.67 -16.48
CA PHE B 279 6.58 15.13 -16.75
C PHE B 279 5.56 14.32 -15.96
N ALA B 280 4.34 14.83 -15.91
CA ALA B 280 3.30 14.14 -15.19
C ALA B 280 2.00 14.18 -15.96
N VAL B 281 1.17 13.19 -15.72
CA VAL B 281 -0.14 13.08 -16.34
C VAL B 281 -1.10 13.47 -15.24
N LYS B 282 -1.90 14.52 -15.49
CA LYS B 282 -2.87 15.00 -14.52
C LYS B 282 -4.30 14.81 -15.00
N PHE B 283 -5.15 14.35 -14.09
CA PHE B 283 -6.55 14.14 -14.40
C PHE B 283 -7.31 14.25 -13.09
N ARG B 284 -8.62 14.14 -13.12
CA ARG B 284 -9.38 14.25 -11.88
C ARG B 284 -9.51 12.92 -11.15
N LYS B 285 -9.25 12.95 -9.84
CA LYS B 285 -9.33 11.77 -9.00
C LYS B 285 -10.76 11.24 -8.99
N PRO B 286 -10.94 9.97 -9.34
CA PRO B 286 -12.31 9.43 -9.33
C PRO B 286 -12.78 9.43 -7.88
N ASP B 287 -14.08 9.50 -7.67
CA ASP B 287 -14.63 9.53 -6.32
C ASP B 287 -14.82 8.09 -5.81
N ILE B 288 -13.71 7.45 -5.47
CA ILE B 288 -13.73 6.09 -4.96
C ILE B 288 -12.81 6.01 -3.76
N VAL B 289 -12.90 4.91 -3.01
CA VAL B 289 -12.05 4.74 -1.83
C VAL B 289 -10.61 4.40 -2.19
N ASP B 290 -9.70 4.87 -1.35
CA ASP B 290 -8.28 4.62 -1.51
C ASP B 290 -8.00 3.16 -1.91
N ASP B 291 -8.69 2.21 -1.29
CA ASP B 291 -8.45 0.81 -1.60
C ASP B 291 -8.73 0.41 -3.05
N ASN B 292 -9.55 1.20 -3.75
CA ASN B 292 -9.84 0.91 -5.15
C ASN B 292 -9.03 1.84 -6.04
N LEU B 293 -8.73 3.04 -5.53
CA LEU B 293 -7.97 4.03 -6.27
C LEU B 293 -6.49 3.73 -6.45
N TYR B 294 -5.80 3.45 -5.35
CA TYR B 294 -4.36 3.22 -5.42
C TYR B 294 -3.92 2.08 -6.32
N PRO B 295 -4.67 0.98 -6.35
CA PRO B 295 -4.21 -0.09 -7.23
C PRO B 295 -4.38 0.37 -8.70
N GLN B 296 -5.39 1.20 -8.94
CA GLN B 296 -5.63 1.69 -10.28
C GLN B 296 -4.51 2.64 -10.67
N LEU B 297 -4.08 3.45 -9.71
CA LEU B 297 -2.99 4.38 -9.97
C LEU B 297 -1.74 3.58 -10.30
N GLU B 298 -1.51 2.50 -9.54
CA GLU B 298 -0.35 1.64 -9.78
C GLU B 298 -0.42 1.02 -11.17
N ARG B 299 -1.61 0.57 -11.56
CA ARG B 299 -1.77 -0.04 -12.89
C ARG B 299 -1.54 0.99 -13.97
N ALA B 300 -2.09 2.19 -13.77
CA ALA B 300 -1.98 3.28 -14.73
C ALA B 300 -0.51 3.63 -15.00
N SER B 301 0.24 3.88 -13.94
CA SER B 301 1.66 4.22 -14.08
C SER B 301 2.40 3.12 -14.83
N ARG B 302 2.17 1.88 -14.42
CA ARG B 302 2.82 0.73 -15.02
C ARG B 302 2.59 0.63 -16.52
N LYS B 303 1.33 0.72 -16.95
CA LYS B 303 1.02 0.58 -18.37
C LYS B 303 1.68 1.68 -19.19
N ILE B 304 1.70 2.89 -18.64
CA ILE B 304 2.31 4.01 -19.35
C ILE B 304 3.83 3.84 -19.31
N PHE B 305 4.35 3.36 -18.18
CA PHE B 305 5.79 3.13 -18.05
C PHE B 305 6.26 2.12 -19.08
N GLU B 306 5.49 1.04 -19.20
CA GLU B 306 5.80 -0.03 -20.17
C GLU B 306 5.70 0.49 -21.60
N PHE B 307 4.82 1.45 -21.83
CA PHE B 307 4.68 2.04 -23.15
C PHE B 307 5.96 2.82 -23.41
N LEU B 308 6.45 3.51 -22.38
CA LEU B 308 7.65 4.29 -22.51
C LEU B 308 8.88 3.45 -22.79
N GLU B 309 8.99 2.26 -22.20
CA GLU B 309 10.19 1.48 -22.48
C GLU B 309 10.20 0.76 -23.81
N ARG B 310 9.08 0.25 -24.28
CA ARG B 310 9.11 -0.43 -25.57
C ARG B 310 9.15 0.57 -26.70
N GLU B 311 8.92 1.83 -26.38
CA GLU B 311 8.94 2.90 -27.35
C GLU B 311 10.31 3.59 -27.34
N ASN B 312 11.24 2.99 -26.60
CA ASN B 312 12.62 3.48 -26.48
C ASN B 312 12.90 4.80 -25.81
N PHE B 313 12.01 5.26 -24.94
CA PHE B 313 12.26 6.54 -24.28
C PHE B 313 13.08 6.40 -23.01
N MET B 314 13.47 5.17 -22.70
CA MET B 314 14.30 4.87 -21.54
C MET B 314 13.81 5.48 -20.23
N PRO B 315 12.61 5.10 -19.78
CA PRO B 315 12.11 5.66 -18.53
C PRO B 315 12.93 5.13 -17.33
N LEU B 316 13.18 5.99 -16.35
CA LEU B 316 13.94 5.62 -15.16
C LEU B 316 13.05 5.08 -14.04
N ARG B 317 12.04 5.84 -13.69
CA ARG B 317 11.10 5.43 -12.66
C ARG B 317 9.80 6.17 -12.88
N SER B 318 8.76 5.78 -12.14
CA SER B 318 7.48 6.43 -12.24
C SER B 318 7.02 6.63 -10.82
N ALA B 319 6.01 7.46 -10.64
CA ALA B 319 5.47 7.72 -9.33
C ALA B 319 4.04 8.16 -9.55
N PHE B 320 3.36 8.51 -8.47
CA PHE B 320 1.98 8.95 -8.58
C PHE B 320 1.52 9.58 -7.28
N LYS B 321 0.53 10.44 -7.35
CA LYS B 321 0.00 11.07 -6.16
C LYS B 321 -1.45 11.46 -6.35
N ALA B 322 -2.23 11.30 -5.29
CA ALA B 322 -3.63 11.65 -5.33
C ALA B 322 -3.84 12.78 -4.33
N SER B 323 -4.72 13.72 -4.71
CA SER B 323 -5.07 14.85 -3.88
C SER B 323 -6.58 14.76 -3.79
N GLU B 324 -7.19 15.68 -3.05
CA GLU B 324 -8.65 15.66 -2.94
C GLU B 324 -9.09 15.97 -4.36
N GLU B 325 -8.37 16.93 -4.94
CA GLU B 325 -8.62 17.44 -6.27
C GLU B 325 -8.28 16.60 -7.51
N PHE B 326 -6.99 16.32 -7.69
CA PHE B 326 -6.53 15.51 -8.82
C PHE B 326 -5.59 14.35 -8.51
N CYS B 327 -5.17 13.68 -9.56
CA CYS B 327 -4.24 12.56 -9.48
C CYS B 327 -3.11 12.86 -10.46
N TYR B 328 -1.91 12.44 -10.11
CA TYR B 328 -0.76 12.67 -10.96
C TYR B 328 0.04 11.41 -11.14
N LEU B 329 0.47 11.17 -12.37
CA LEU B 329 1.29 10.03 -12.68
C LEU B 329 2.59 10.72 -13.10
N LEU B 330 3.68 10.43 -12.39
CA LEU B 330 4.95 11.07 -12.68
C LEU B 330 5.89 10.15 -13.45
N PHE B 331 6.76 10.76 -14.26
CA PHE B 331 7.71 10.02 -15.06
C PHE B 331 9.00 10.81 -15.31
N GLU B 332 10.10 10.06 -15.41
CA GLU B 332 11.40 10.65 -15.72
C GLU B 332 12.01 9.70 -16.74
N CYS B 333 12.39 10.25 -17.89
CA CYS B 333 12.97 9.47 -18.97
C CYS B 333 14.36 9.98 -19.32
N GLN B 334 15.17 9.10 -19.91
CA GLN B 334 16.52 9.47 -20.29
C GLN B 334 16.55 10.17 -21.64
N ILE B 335 15.54 9.89 -22.45
CA ILE B 335 15.44 10.46 -23.78
C ILE B 335 14.39 11.57 -23.90
N LYS B 336 14.84 12.82 -24.00
CA LYS B 336 13.91 13.96 -24.17
C LYS B 336 13.36 13.97 -25.61
N GLU B 337 14.18 13.55 -26.56
CA GLU B 337 13.78 13.51 -27.96
C GLU B 337 14.53 12.42 -28.72
N ILE B 338 13.80 11.65 -29.52
CA ILE B 338 14.41 10.59 -30.31
C ILE B 338 14.17 10.91 -31.79
N SER B 339 14.97 10.32 -32.67
CA SER B 339 14.80 10.59 -34.09
C SER B 339 13.44 10.10 -34.59
N ARG B 340 13.11 10.50 -35.81
CA ARG B 340 11.85 10.11 -36.42
C ARG B 340 12.07 8.73 -37.07
N VAL B 341 13.29 8.50 -37.57
CA VAL B 341 13.64 7.22 -38.22
C VAL B 341 14.08 6.18 -37.22
N PHE B 342 13.76 4.93 -37.53
CA PHE B 342 14.16 3.79 -36.71
C PHE B 342 14.19 2.58 -37.64
N ARG B 343 15.02 1.60 -37.32
CA ARG B 343 15.12 0.42 -38.16
C ARG B 343 14.18 -0.70 -37.74
N ARG B 344 13.54 -1.30 -38.75
CA ARG B 344 12.63 -2.41 -38.54
C ARG B 344 13.27 -3.65 -39.13
N MET B 345 13.33 -4.72 -38.33
CA MET B 345 13.92 -5.98 -38.78
C MET B 345 12.96 -6.68 -39.73
N GLY B 346 13.50 -7.17 -40.84
CA GLY B 346 12.69 -7.87 -41.82
C GLY B 346 13.11 -9.32 -41.95
N PRO B 347 12.66 -10.01 -43.02
CA PRO B 347 12.99 -11.42 -43.26
C PRO B 347 14.44 -11.70 -43.67
N GLN B 348 14.86 -12.96 -43.54
CA GLN B 348 16.21 -13.36 -43.94
C GLN B 348 16.22 -13.40 -45.47
N PHE B 349 17.37 -13.12 -46.08
CA PHE B 349 17.44 -13.06 -47.54
C PHE B 349 16.97 -14.27 -48.32
N GLU B 350 17.16 -15.48 -47.81
CA GLU B 350 16.72 -16.64 -48.58
C GLU B 350 15.20 -16.85 -48.56
N ASP B 351 14.48 -15.98 -47.87
CA ASP B 351 13.04 -16.10 -47.78
C ASP B 351 12.36 -15.22 -48.84
N GLU B 352 12.41 -15.67 -50.09
CA GLU B 352 11.82 -14.97 -51.22
C GLU B 352 10.37 -14.51 -51.03
N ARG B 353 9.55 -15.34 -50.41
CA ARG B 353 8.15 -14.99 -50.22
C ARG B 353 7.99 -13.73 -49.38
N ASN B 354 8.41 -13.81 -48.12
CA ASN B 354 8.30 -12.68 -47.21
C ASN B 354 9.15 -11.48 -47.60
N VAL B 355 10.32 -11.71 -48.18
CA VAL B 355 11.16 -10.60 -48.60
C VAL B 355 10.35 -9.75 -49.57
N LYS B 356 9.68 -10.42 -50.50
CA LYS B 356 8.88 -9.73 -51.50
C LYS B 356 7.79 -8.90 -50.84
N LYS B 357 7.14 -9.46 -49.84
CA LYS B 357 6.08 -8.72 -49.16
C LYS B 357 6.69 -7.55 -48.38
N PHE B 358 7.82 -7.81 -47.71
CA PHE B 358 8.50 -6.78 -46.93
C PHE B 358 8.95 -5.58 -47.78
N LEU B 359 9.29 -5.84 -49.03
CA LEU B 359 9.72 -4.75 -49.92
C LEU B 359 8.54 -4.14 -50.68
N SER B 360 7.41 -4.84 -50.69
CA SER B 360 6.24 -4.34 -51.42
C SER B 360 5.70 -3.08 -50.77
N ARG B 361 5.92 -2.94 -49.47
CA ARG B 361 5.48 -1.77 -48.72
C ARG B 361 6.26 -0.54 -49.20
N ASN B 362 5.57 0.53 -49.51
CA ASN B 362 6.27 1.71 -49.96
C ASN B 362 6.67 2.54 -48.75
N ARG B 363 7.97 2.80 -48.64
CA ARG B 363 8.49 3.58 -47.54
C ARG B 363 9.25 4.75 -48.14
N ALA B 364 9.59 5.73 -47.30
CA ALA B 364 10.29 6.89 -47.79
C ALA B 364 11.77 6.62 -48.03
N PHE B 365 12.34 5.60 -47.39
CA PHE B 365 13.77 5.36 -47.55
C PHE B 365 14.41 4.15 -48.21
N ARG B 366 13.68 3.10 -48.59
CA ARG B 366 14.38 1.99 -49.25
C ARG B 366 15.15 1.13 -48.26
N PRO B 367 14.74 -0.14 -48.10
CA PRO B 367 15.40 -1.07 -47.18
C PRO B 367 16.77 -1.57 -47.62
N PHE B 368 17.53 -2.10 -46.67
CA PHE B 368 18.87 -2.61 -46.93
C PHE B 368 19.08 -3.98 -46.31
N ILE B 369 20.24 -4.57 -46.61
CA ILE B 369 20.61 -5.88 -46.08
C ILE B 369 21.75 -5.71 -45.07
N GLU B 370 21.76 -6.54 -44.04
CA GLU B 370 22.79 -6.50 -43.00
C GLU B 370 22.74 -7.87 -42.35
N ASN B 371 23.89 -8.54 -42.34
CA ASN B 371 24.01 -9.86 -41.73
C ASN B 371 22.93 -10.83 -42.16
N GLY B 372 22.75 -10.98 -43.47
CA GLY B 372 21.78 -11.93 -43.98
C GLY B 372 20.30 -11.63 -43.95
N ARG B 373 19.90 -10.43 -43.55
CA ARG B 373 18.49 -10.14 -43.53
C ARG B 373 18.18 -8.71 -43.87
N TRP B 374 16.95 -8.50 -44.34
CA TRP B 374 16.52 -7.18 -44.72
C TRP B 374 16.07 -6.36 -43.54
N TRP B 375 16.31 -5.05 -43.63
CA TRP B 375 15.92 -4.10 -42.60
C TRP B 375 15.29 -2.92 -43.32
N ALA B 376 14.27 -2.33 -42.70
CA ALA B 376 13.62 -1.18 -43.30
C ALA B 376 13.73 0.02 -42.36
N PHE B 377 13.77 1.22 -42.95
CA PHE B 377 13.83 2.43 -42.16
C PHE B 377 12.38 2.88 -42.04
N GLU B 378 11.94 3.14 -40.82
CA GLU B 378 10.57 3.56 -40.61
C GLU B 378 10.52 4.93 -39.92
N MET B 379 9.34 5.54 -39.91
CA MET B 379 9.15 6.86 -39.29
C MET B 379 8.16 6.77 -38.13
N ARG B 380 8.48 7.46 -37.03
CA ARG B 380 7.60 7.46 -35.86
C ARG B 380 6.52 8.53 -35.91
N LYS B 381 5.40 8.28 -35.26
CA LYS B 381 4.33 9.26 -35.20
C LYS B 381 4.65 10.30 -34.12
N PHE B 382 5.61 9.99 -33.24
CA PHE B 382 5.98 10.93 -32.18
C PHE B 382 7.46 10.84 -31.84
N THR B 383 8.04 11.95 -31.40
CA THR B 383 9.47 12.01 -31.09
C THR B 383 9.85 12.46 -29.68
N THR B 384 8.87 12.58 -28.79
CA THR B 384 9.14 12.96 -27.41
C THR B 384 8.27 12.12 -26.51
N PRO B 385 8.74 11.85 -25.27
CA PRO B 385 7.98 11.05 -24.30
C PRO B 385 6.58 11.62 -24.07
N GLU B 386 6.50 12.93 -23.86
CA GLU B 386 5.23 13.60 -23.62
C GLU B 386 4.30 13.43 -24.81
N GLU B 387 4.88 13.48 -25.99
CA GLU B 387 4.14 13.34 -27.23
C GLU B 387 3.62 11.91 -27.35
N GLY B 388 4.38 10.97 -26.82
CA GLY B 388 4.00 9.57 -26.87
C GLY B 388 2.86 9.24 -25.92
N VAL B 389 2.99 9.68 -24.68
CA VAL B 389 1.94 9.45 -23.67
C VAL B 389 0.62 10.16 -24.01
N ARG B 390 0.69 11.36 -24.60
CA ARG B 390 -0.55 12.03 -24.96
C ARG B 390 -1.27 11.18 -25.98
N SER B 391 -0.50 10.39 -26.73
CA SER B 391 -1.10 9.51 -27.72
C SER B 391 -1.65 8.26 -27.04
N TYR B 392 -0.78 7.61 -26.26
CA TYR B 392 -1.15 6.38 -25.55
C TYR B 392 -2.37 6.60 -24.63
N ALA B 393 -2.25 7.56 -23.73
CA ALA B 393 -3.32 7.88 -22.79
C ALA B 393 -4.64 8.26 -23.47
N SER B 394 -4.58 8.78 -24.70
CA SER B 394 -5.78 9.17 -25.43
C SER B 394 -6.51 7.99 -26.04
N THR B 395 -5.76 6.97 -26.43
CA THR B 395 -6.36 5.79 -27.07
C THR B 395 -6.41 4.55 -26.20
N HIS B 396 -5.58 4.51 -25.15
CA HIS B 396 -5.57 3.35 -24.28
C HIS B 396 -6.10 3.64 -22.88
N TRP B 397 -6.93 4.68 -22.75
CA TRP B 397 -7.49 5.04 -21.47
C TRP B 397 -8.16 3.85 -20.76
N HIS B 398 -8.83 3.00 -21.53
CA HIS B 398 -9.54 1.88 -20.93
C HIS B 398 -8.66 0.86 -20.22
N THR B 399 -7.35 0.95 -20.37
CA THR B 399 -6.48 -0.08 -19.81
C THR B 399 -5.75 0.46 -18.59
N LEU B 400 -6.14 1.66 -18.17
CA LEU B 400 -5.53 2.33 -17.03
C LEU B 400 -6.37 2.21 -15.76
N GLY B 401 -7.09 1.11 -15.62
CA GLY B 401 -7.93 0.94 -14.46
C GLY B 401 -9.31 1.45 -14.78
N LYS B 402 -10.33 0.70 -14.38
CA LYS B 402 -11.71 1.06 -14.64
C LYS B 402 -12.02 2.53 -14.40
N ASN B 403 -11.87 2.97 -13.17
CA ASN B 403 -12.18 4.35 -12.82
C ASN B 403 -11.16 5.38 -13.30
N VAL B 404 -9.89 5.19 -12.94
CA VAL B 404 -8.87 6.12 -13.39
C VAL B 404 -8.93 6.22 -14.93
N GLY B 405 -9.12 5.07 -15.58
CA GLY B 405 -9.19 5.07 -17.03
C GLY B 405 -10.32 5.93 -17.57
N GLU B 406 -11.50 5.79 -16.96
CA GLU B 406 -12.68 6.55 -17.36
C GLU B 406 -12.53 8.04 -17.10
N SER B 407 -11.75 8.39 -16.07
CA SER B 407 -11.52 9.78 -15.73
C SER B 407 -10.57 10.43 -16.74
N ILE B 408 -9.54 9.67 -17.14
CA ILE B 408 -8.56 10.15 -18.10
C ILE B 408 -9.19 10.26 -19.48
N ARG B 409 -10.18 9.42 -19.75
CA ARG B 409 -10.87 9.43 -21.03
C ARG B 409 -11.70 10.71 -21.15
N GLU B 410 -12.15 11.25 -20.02
CA GLU B 410 -12.96 12.46 -20.04
C GLU B 410 -12.14 13.74 -19.86
N TYR B 411 -10.88 13.58 -19.46
CA TYR B 411 -9.96 14.71 -19.27
C TYR B 411 -8.58 14.32 -18.75
N PHE B 412 -7.55 14.96 -19.30
CA PHE B 412 -6.17 14.75 -18.86
C PHE B 412 -5.22 15.67 -19.59
N GLU B 413 -4.11 15.99 -18.94
CA GLU B 413 -3.11 16.85 -19.55
C GLU B 413 -1.73 16.42 -19.08
N ILE B 414 -0.72 16.74 -19.87
CA ILE B 414 0.64 16.39 -19.50
C ILE B 414 1.36 17.67 -19.13
N ILE B 415 1.80 17.74 -17.87
CA ILE B 415 2.50 18.89 -17.35
C ILE B 415 4.00 18.63 -17.26
N SER B 416 4.80 19.64 -17.58
CA SER B 416 6.24 19.52 -17.53
C SER B 416 6.87 20.90 -17.36
N GLY B 417 8.12 20.93 -16.93
CA GLY B 417 8.80 22.21 -16.74
C GLY B 417 8.36 22.93 -15.48
N GLU B 418 8.50 24.25 -15.51
CA GLU B 418 8.13 25.08 -14.37
C GLU B 418 6.67 24.88 -13.97
N LYS B 419 5.84 24.53 -14.95
CA LYS B 419 4.42 24.32 -14.69
C LYS B 419 4.18 23.07 -13.84
N LEU B 420 5.11 22.13 -13.88
CA LEU B 420 5.00 20.91 -13.09
C LEU B 420 5.50 21.10 -11.67
N PHE B 421 6.60 21.85 -11.53
CA PHE B 421 7.20 22.11 -10.24
C PHE B 421 6.23 22.83 -9.30
N LYS B 422 5.11 23.27 -9.85
CA LYS B 422 4.12 24.06 -9.11
C LYS B 422 2.94 23.22 -8.66
N GLU B 423 2.97 21.94 -8.99
CA GLU B 423 1.90 21.02 -8.60
C GLU B 423 2.27 20.38 -7.27
N PRO B 424 1.28 19.82 -6.54
CA PRO B 424 1.51 19.17 -5.25
C PRO B 424 2.15 17.82 -5.58
N VAL B 425 3.32 17.87 -6.19
CA VAL B 425 4.08 16.66 -6.47
C VAL B 425 5.58 16.78 -6.20
N THR B 426 6.04 17.93 -5.72
CA THR B 426 7.46 18.10 -5.48
C THR B 426 8.03 17.04 -4.55
N ALA B 427 7.23 16.56 -3.61
CA ALA B 427 7.71 15.54 -2.68
C ALA B 427 7.91 14.21 -3.40
N GLU B 428 6.89 13.78 -4.14
CA GLU B 428 6.95 12.54 -4.88
C GLU B 428 8.13 12.54 -5.86
N LEU B 429 8.38 13.68 -6.51
CA LEU B 429 9.48 13.82 -7.45
C LEU B 429 10.85 13.66 -6.80
N CYS B 430 11.06 14.29 -5.65
CA CYS B 430 12.34 14.17 -4.97
C CYS B 430 12.61 12.72 -4.60
N GLU B 431 11.58 12.03 -4.11
CA GLU B 431 11.71 10.63 -3.73
C GLU B 431 11.95 9.76 -4.97
N MET B 432 11.42 10.22 -6.10
CA MET B 432 11.55 9.48 -7.35
C MET B 432 12.95 9.60 -7.93
N MET B 433 13.55 10.79 -7.79
CA MET B 433 14.88 11.08 -8.32
C MET B 433 16.01 10.93 -7.30
N GLY B 434 15.68 10.44 -6.11
CA GLY B 434 16.70 10.30 -5.08
C GLY B 434 17.19 11.59 -4.49
N VAL B 435 16.47 12.68 -4.71
CA VAL B 435 16.96 14.01 -4.31
C VAL B 435 17.32 13.93 -2.83
N LYS B 436 18.60 14.01 -2.51
CA LYS B 436 18.98 13.95 -1.11
C LYS B 436 19.21 15.33 -0.54
N ASP B 437 19.67 15.37 0.71
CA ASP B 437 19.94 16.61 1.46
C ASP B 437 18.79 16.92 2.41
#